data_2WT4
#
_entry.id   2WT4
#
_cell.length_a   64.909
_cell.length_b   96.369
_cell.length_c   101.868
_cell.angle_alpha   90.00
_cell.angle_beta   90.00
_cell.angle_gamma   90.00
#
_symmetry.space_group_name_H-M   'I 2 2 2'
#
loop_
_entity.id
_entity.type
_entity.pdbx_description
1 polymer L-ASPARAGINASE
2 non-polymer 'ASPARTIC ACID'
3 water water
#
_entity_poly.entity_id   1
_entity_poly.type   'polypeptide(L)'
_entity_poly.pdbx_seq_one_letter_code
;MAQNLPTIALLATGGTIAGSGVDASLGSYKSGELGVKELLKAIPSLNKIARIQGEQVSNIGSQDMNEEIWFKLAQRAQEL
LDDSRIQGVVITHGTDTLEESAYFLNLVLHSTKPVVLVGAMRNASSLSADGALNLYEAVSVAVNEKSANKGVLVVMDDTI
FSVREVVKTHTTHVSTFKALNSGAIGSVYYGKTRYYMQPLRKHTTESEFSLSQLKTPLPKVDIIYTHAGMTPDLFQASLN
SHAKGVVIAGVGNGNVSAGFLKAMQEASQMGVVIVRSSRVGSGGVTSGEIDDKAYGFITSDNLNPQKARVLLQLALTKTN
DKAKIQEMFEEY
;
_entity_poly.pdbx_strand_id   A
#
# COMPACT_ATOMS: atom_id res chain seq x y z
N LEU A 5 -15.61 3.20 -26.69
CA LEU A 5 -15.28 2.68 -25.33
C LEU A 5 -14.12 3.45 -24.70
N PRO A 6 -14.12 3.59 -23.36
CA PRO A 6 -13.00 4.22 -22.65
C PRO A 6 -11.71 3.40 -22.78
N THR A 7 -10.56 4.06 -22.84
CA THR A 7 -9.27 3.37 -22.87
C THR A 7 -8.70 3.26 -21.46
N ILE A 8 -8.32 2.03 -21.09
CA ILE A 8 -7.73 1.71 -19.79
C ILE A 8 -6.33 1.14 -20.07
N ALA A 9 -5.34 1.59 -19.33
CA ALA A 9 -4.02 0.99 -19.38
C ALA A 9 -3.97 -0.10 -18.32
N LEU A 10 -3.43 -1.25 -18.70
CA LEU A 10 -3.26 -2.36 -17.77
CA LEU A 10 -3.25 -2.34 -17.74
C LEU A 10 -1.76 -2.61 -17.62
N LEU A 11 -1.24 -2.42 -16.41
CA LEU A 11 0.18 -2.58 -16.13
C LEU A 11 0.36 -3.85 -15.31
N ALA A 12 1.04 -4.84 -15.88
CA ALA A 12 1.22 -6.12 -15.19
C ALA A 12 2.57 -6.19 -14.51
N THR A 13 2.59 -6.68 -13.26
CA THR A 13 3.83 -6.77 -12.49
C THR A 13 4.19 -8.21 -12.12
N GLY A 14 3.27 -9.15 -12.34
CA GLY A 14 3.38 -10.57 -11.89
C GLY A 14 2.32 -11.01 -10.86
N GLY A 15 2.72 -11.89 -9.94
CA GLY A 15 1.79 -12.40 -8.91
C GLY A 15 1.00 -13.65 -9.28
N THR A 16 0.32 -14.22 -8.27
CA THR A 16 -0.49 -15.45 -8.42
C THR A 16 -1.58 -15.32 -9.49
N ILE A 17 -2.07 -14.11 -9.72
CA ILE A 17 -3.03 -13.83 -10.82
C ILE A 17 -2.46 -14.26 -12.17
N ALA A 18 -1.13 -14.24 -12.28
CA ALA A 18 -0.42 -14.71 -13.46
C ALA A 18 0.42 -15.96 -13.11
N GLY A 19 0.03 -16.66 -12.04
CA GLY A 19 0.70 -17.89 -11.61
C GLY A 19 0.14 -19.11 -12.32
N SER A 20 1.00 -20.13 -12.48
CA SER A 20 0.59 -21.37 -13.16
C SER A 20 1.47 -22.56 -12.76
N GLY A 21 1.23 -23.69 -13.41
CA GLY A 21 2.03 -24.90 -13.19
C GLY A 21 2.30 -25.62 -14.51
N GLY A 35 2.75 -13.55 -18.67
CA GLY A 35 2.09 -12.28 -18.38
C GLY A 35 1.06 -11.91 -19.43
N VAL A 36 0.86 -10.60 -19.65
CA VAL A 36 -0.05 -10.11 -20.69
C VAL A 36 0.41 -10.60 -22.09
N LYS A 37 -0.46 -11.27 -22.85
CA LYS A 37 -1.84 -11.57 -22.47
C LYS A 37 -2.41 -12.70 -23.36
N GLU A 38 -2.70 -13.91 -22.84
CA GLU A 38 -2.58 -14.38 -21.44
C GLU A 38 -3.04 -13.41 -20.36
N LEU A 39 -4.29 -13.61 -19.92
CA LEU A 39 -5.11 -12.53 -19.35
C LEU A 39 -5.57 -11.73 -20.57
N LEU A 40 -6.74 -11.11 -20.52
CA LEU A 40 -7.32 -10.46 -21.72
C LEU A 40 -7.71 -11.49 -22.78
N LYS A 41 -6.74 -12.33 -23.17
CA LYS A 41 -6.96 -13.44 -24.09
C LYS A 41 -7.87 -14.48 -23.43
N ALA A 42 -7.70 -14.65 -22.12
CA ALA A 42 -8.48 -15.57 -21.30
C ALA A 42 -9.87 -15.05 -20.90
N ILE A 43 -10.05 -13.73 -20.96
CA ILE A 43 -11.33 -13.09 -20.63
C ILE A 43 -11.77 -12.12 -21.74
N PRO A 44 -12.43 -12.65 -22.79
CA PRO A 44 -12.83 -11.83 -23.94
C PRO A 44 -13.95 -10.82 -23.63
N SER A 45 -14.72 -11.05 -22.57
CA SER A 45 -15.80 -10.15 -22.16
C SER A 45 -15.31 -8.74 -21.78
N LEU A 46 -14.01 -8.63 -21.45
CA LEU A 46 -13.38 -7.34 -21.15
C LEU A 46 -13.50 -6.33 -22.29
N ASN A 47 -13.50 -6.84 -23.53
CA ASN A 47 -13.58 -6.00 -24.73
C ASN A 47 -14.91 -5.28 -24.92
N LYS A 48 -15.92 -5.70 -24.16
CA LYS A 48 -17.23 -5.04 -24.20
C LYS A 48 -17.30 -3.81 -23.31
N ILE A 49 -16.37 -3.69 -22.36
CA ILE A 49 -16.42 -2.59 -21.38
C ILE A 49 -15.31 -1.54 -21.53
N ALA A 50 -14.17 -1.95 -22.11
CA ALA A 50 -13.07 -1.02 -22.34
C ALA A 50 -12.13 -1.45 -23.46
N ARG A 51 -11.41 -0.48 -24.00
CA ARG A 51 -10.27 -0.72 -24.87
C ARG A 51 -9.06 -0.85 -23.94
N ILE A 52 -8.39 -2.00 -23.97
CA ILE A 52 -7.28 -2.25 -23.05
C ILE A 52 -5.92 -2.09 -23.74
N GLN A 53 -5.07 -1.25 -23.15
CA GLN A 53 -3.69 -1.07 -23.57
CA GLN A 53 -3.68 -1.09 -23.58
C GLN A 53 -2.78 -1.71 -22.52
N GLY A 54 -2.30 -2.92 -22.81
CA GLY A 54 -1.57 -3.68 -21.80
C GLY A 54 -0.07 -3.56 -21.96
N GLU A 55 0.64 -3.55 -20.83
CA GLU A 55 2.10 -3.68 -20.89
C GLU A 55 2.66 -4.37 -19.66
N GLN A 56 3.84 -4.98 -19.84
CA GLN A 56 4.51 -5.68 -18.75
CA GLN A 56 4.51 -5.67 -18.75
C GLN A 56 5.54 -4.75 -18.10
N VAL A 57 5.32 -4.43 -16.84
CA VAL A 57 6.23 -3.60 -16.07
C VAL A 57 7.30 -4.51 -15.47
N SER A 58 6.88 -5.67 -14.97
CA SER A 58 7.80 -6.67 -14.41
C SER A 58 7.08 -8.00 -14.43
N ASN A 59 7.78 -9.08 -14.07
CA ASN A 59 7.13 -10.38 -13.95
C ASN A 59 7.69 -11.12 -12.74
N ILE A 60 7.27 -10.70 -11.55
CA ILE A 60 7.79 -11.25 -10.30
C ILE A 60 6.68 -11.61 -9.34
N GLY A 61 7.00 -12.47 -8.38
CA GLY A 61 6.15 -12.63 -7.19
C GLY A 61 6.28 -11.35 -6.39
N SER A 62 5.20 -10.90 -5.76
CA SER A 62 5.27 -9.65 -4.98
C SER A 62 6.13 -9.77 -3.72
N GLN A 63 6.49 -11.00 -3.32
CA GLN A 63 7.50 -11.17 -2.24
C GLN A 63 8.88 -10.60 -2.64
N ASP A 64 9.10 -10.40 -3.95
CA ASP A 64 10.33 -9.83 -4.48
C ASP A 64 10.22 -8.36 -4.88
N MET A 65 9.12 -7.72 -4.51
CA MET A 65 8.87 -6.31 -4.79
C MET A 65 9.94 -5.48 -4.07
N ASN A 66 10.43 -4.45 -4.75
CA ASN A 66 11.46 -3.57 -4.20
C ASN A 66 11.29 -2.15 -4.74
N GLU A 67 12.14 -1.23 -4.27
CA GLU A 67 12.04 0.19 -4.65
C GLU A 67 12.24 0.48 -6.15
N GLU A 68 13.14 -0.26 -6.78
CA GLU A 68 13.40 -0.10 -8.22
C GLU A 68 12.13 -0.36 -9.03
N ILE A 69 11.41 -1.42 -8.69
CA ILE A 69 10.15 -1.72 -9.38
C ILE A 69 9.07 -0.71 -9.02
N TRP A 70 8.96 -0.33 -7.75
CA TRP A 70 8.00 0.73 -7.34
C TRP A 70 8.16 2.00 -8.16
N PHE A 71 9.41 2.44 -8.34
CA PHE A 71 9.68 3.66 -9.10
C PHE A 71 9.37 3.52 -10.59
N LYS A 72 9.74 2.37 -11.16
CA LYS A 72 9.40 2.11 -12.56
C LYS A 72 7.87 2.12 -12.76
N LEU A 73 7.17 1.43 -11.86
CA LEU A 73 5.72 1.33 -11.89
C LEU A 73 5.08 2.71 -11.73
N ALA A 74 5.56 3.50 -10.77
CA ALA A 74 4.95 4.81 -10.49
C ALA A 74 5.18 5.77 -11.64
N GLN A 75 6.40 5.79 -12.17
CA GLN A 75 6.72 6.67 -13.29
C GLN A 75 5.85 6.36 -14.49
N ARG A 76 5.69 5.07 -14.80
CA ARG A 76 4.89 4.66 -15.95
C ARG A 76 3.41 5.01 -15.72
N ALA A 77 2.89 4.70 -14.54
CA ALA A 77 1.51 5.09 -14.20
C ALA A 77 1.28 6.59 -14.33
N GLN A 78 2.20 7.41 -13.84
CA GLN A 78 2.02 8.86 -13.91
C GLN A 78 1.98 9.35 -15.36
N GLU A 79 2.91 8.84 -16.17
CA GLU A 79 2.95 9.17 -17.60
C GLU A 79 1.62 8.86 -18.30
N LEU A 80 1.08 7.68 -18.03
CA LEU A 80 -0.22 7.27 -18.61
C LEU A 80 -1.38 8.11 -18.10
N LEU A 81 -1.40 8.39 -16.79
CA LEU A 81 -2.42 9.25 -16.19
C LEU A 81 -2.43 10.67 -16.78
N ASP A 82 -1.25 11.18 -17.13
CA ASP A 82 -1.12 12.52 -17.73
C ASP A 82 -1.60 12.59 -19.19
N ASP A 83 -1.85 11.43 -19.79
CA ASP A 83 -2.29 11.31 -21.20
C ASP A 83 -3.81 11.48 -21.26
N SER A 84 -4.27 12.49 -22.00
CA SER A 84 -5.71 12.75 -22.10
C SER A 84 -6.52 11.58 -22.71
N ARG A 85 -5.84 10.68 -23.41
CA ARG A 85 -6.48 9.50 -24.00
C ARG A 85 -6.69 8.33 -23.02
N ILE A 86 -6.09 8.41 -21.84
CA ILE A 86 -6.20 7.33 -20.87
C ILE A 86 -7.21 7.72 -19.78
N GLN A 87 -8.22 6.89 -19.59
CA GLN A 87 -9.31 7.15 -18.65
C GLN A 87 -9.01 6.61 -17.24
N GLY A 88 -8.16 5.60 -17.14
CA GLY A 88 -7.87 4.96 -15.84
C GLY A 88 -6.79 3.91 -16.01
N VAL A 89 -6.26 3.43 -14.90
CA VAL A 89 -5.17 2.48 -14.91
C VAL A 89 -5.49 1.32 -13.97
N VAL A 90 -5.29 0.10 -14.47
CA VAL A 90 -5.44 -1.12 -13.64
C VAL A 90 -4.07 -1.78 -13.54
N ILE A 91 -3.69 -2.18 -12.34
CA ILE A 91 -2.38 -2.78 -12.11
C ILE A 91 -2.61 -4.18 -11.52
N THR A 92 -2.09 -5.21 -12.18
CA THR A 92 -2.17 -6.58 -11.62
C THR A 92 -0.89 -6.83 -10.79
N HIS A 93 -1.06 -7.43 -9.61
CA HIS A 93 0.03 -7.44 -8.62
C HIS A 93 -0.18 -8.67 -7.75
N GLY A 94 0.91 -9.30 -7.28
CA GLY A 94 0.78 -10.38 -6.28
C GLY A 94 0.13 -9.87 -4.99
N THR A 95 -0.55 -10.74 -4.25
CA THR A 95 -1.27 -10.25 -3.08
C THR A 95 -0.38 -10.01 -1.85
N ASP A 96 0.80 -10.63 -1.79
CA ASP A 96 1.58 -10.60 -0.53
C ASP A 96 1.98 -9.17 -0.10
N THR A 97 2.42 -8.33 -1.03
CA THR A 97 2.83 -6.98 -0.66
C THR A 97 1.97 -5.91 -1.34
N LEU A 98 0.84 -6.34 -1.90
CA LEU A 98 -0.11 -5.43 -2.57
C LEU A 98 -0.50 -4.21 -1.69
N GLU A 99 -0.73 -4.42 -0.40
CA GLU A 99 -1.08 -3.30 0.52
C GLU A 99 0.02 -2.24 0.64
N GLU A 100 1.27 -2.64 0.48
CA GLU A 100 2.40 -1.70 0.55
C GLU A 100 2.54 -0.89 -0.75
N SER A 101 2.51 -1.58 -1.88
CA SER A 101 2.55 -0.92 -3.19
C SER A 101 1.37 0.04 -3.31
N ALA A 102 0.19 -0.40 -2.85
CA ALA A 102 -1.02 0.41 -3.02
C ALA A 102 -0.88 1.73 -2.24
N TYR A 103 -0.36 1.64 -1.01
CA TYR A 103 -0.18 2.86 -0.19
C TYR A 103 0.91 3.79 -0.72
N PHE A 104 2.01 3.22 -1.19
CA PHE A 104 3.07 4.00 -1.86
C PHE A 104 2.51 4.80 -3.04
N LEU A 105 1.77 4.13 -3.93
CA LEU A 105 1.18 4.83 -5.08
C LEU A 105 0.16 5.92 -4.67
N ASN A 106 -0.59 5.65 -3.60
CA ASN A 106 -1.58 6.60 -3.07
C ASN A 106 -0.93 7.92 -2.67
N LEU A 107 0.34 7.86 -2.30
CA LEU A 107 1.07 9.04 -1.80
C LEU A 107 1.88 9.78 -2.85
N VAL A 108 2.24 9.11 -3.95
CA VAL A 108 3.13 9.71 -4.95
C VAL A 108 2.47 10.04 -6.30
N LEU A 109 1.34 9.40 -6.64
CA LEU A 109 0.66 9.70 -7.91
C LEU A 109 -0.20 10.97 -7.83
N HIS A 110 -0.04 11.82 -8.82
CA HIS A 110 -0.80 13.07 -8.88
C HIS A 110 -1.78 13.06 -10.05
N SER A 111 -2.96 12.50 -9.77
CA SER A 111 -4.07 12.43 -10.73
C SER A 111 -5.38 12.19 -10.00
N THR A 112 -6.49 12.64 -10.57
CA THR A 112 -7.82 12.33 -10.06
C THR A 112 -8.45 11.11 -10.75
N LYS A 113 -7.80 10.61 -11.80
CA LYS A 113 -8.27 9.42 -12.53
C LYS A 113 -8.09 8.14 -11.69
N PRO A 114 -9.01 7.16 -11.85
CA PRO A 114 -8.93 5.93 -11.04
C PRO A 114 -7.65 5.12 -11.31
N VAL A 115 -6.99 4.69 -10.24
CA VAL A 115 -5.89 3.72 -10.29
C VAL A 115 -6.34 2.55 -9.39
N VAL A 116 -6.39 1.35 -9.97
CA VAL A 116 -6.95 0.18 -9.30
C VAL A 116 -5.95 -0.95 -9.32
N LEU A 117 -5.64 -1.49 -8.14
CA LEU A 117 -4.80 -2.68 -8.03
C LEU A 117 -5.66 -3.92 -7.82
N VAL A 118 -5.25 -5.03 -8.42
CA VAL A 118 -6.04 -6.29 -8.32
C VAL A 118 -5.09 -7.48 -8.36
N GLY A 119 -5.42 -8.57 -7.65
CA GLY A 119 -4.62 -9.80 -7.68
C GLY A 119 -5.50 -11.01 -7.59
N ALA A 120 -4.92 -12.17 -7.29
CA ALA A 120 -5.68 -13.41 -7.14
C ALA A 120 -5.04 -14.26 -6.07
N MET A 121 -5.87 -14.94 -5.26
CA MET A 121 -5.37 -15.81 -4.19
C MET A 121 -5.17 -17.26 -4.64
N ARG A 122 -5.77 -17.63 -5.77
CA ARG A 122 -5.63 -18.97 -6.34
C ARG A 122 -4.97 -18.85 -7.70
N ASN A 123 -4.05 -19.76 -8.03
CA ASN A 123 -3.30 -19.62 -9.28
C ASN A 123 -4.22 -19.85 -10.46
N ALA A 124 -3.86 -19.31 -11.63
CA ALA A 124 -4.78 -19.27 -12.77
C ALA A 124 -5.27 -20.63 -13.28
N SER A 125 -4.52 -21.71 -13.00
CA SER A 125 -4.90 -23.05 -13.43
CA SER A 125 -4.89 -23.06 -13.43
C SER A 125 -5.57 -23.89 -12.33
N SER A 126 -5.88 -23.25 -11.20
CA SER A 126 -6.58 -23.92 -10.10
C SER A 126 -8.05 -24.16 -10.49
N LEU A 127 -8.66 -25.23 -9.96
CA LEU A 127 -10.13 -25.27 -9.93
C LEU A 127 -10.62 -24.00 -9.22
N SER A 128 -11.72 -23.43 -9.71
CA SER A 128 -12.34 -22.27 -9.05
C SER A 128 -11.37 -21.08 -8.81
N ALA A 129 -10.51 -20.82 -9.79
CA ALA A 129 -9.56 -19.70 -9.70
C ALA A 129 -10.31 -18.37 -9.61
N ASP A 130 -9.85 -17.47 -8.73
CA ASP A 130 -10.55 -16.19 -8.47
C ASP A 130 -10.15 -15.00 -9.35
N GLY A 131 -9.08 -15.15 -10.12
CA GLY A 131 -8.48 -14.06 -10.88
C GLY A 131 -9.35 -13.46 -11.98
N ALA A 132 -10.03 -14.31 -12.75
CA ALA A 132 -10.79 -13.82 -13.90
C ALA A 132 -11.87 -12.80 -13.48
N LEU A 133 -12.73 -13.19 -12.55
CA LEU A 133 -13.78 -12.28 -12.09
C LEU A 133 -13.21 -11.06 -11.35
N ASN A 134 -12.13 -11.25 -10.59
CA ASN A 134 -11.47 -10.10 -9.95
C ASN A 134 -11.02 -9.05 -11.00
N LEU A 135 -10.38 -9.52 -12.06
CA LEU A 135 -9.92 -8.61 -13.11
C LEU A 135 -11.09 -7.92 -13.83
N TYR A 136 -12.14 -8.69 -14.14
CA TYR A 136 -13.35 -8.12 -14.75
C TYR A 136 -13.93 -6.96 -13.89
N GLU A 137 -14.04 -7.14 -12.57
CA GLU A 137 -14.57 -6.03 -11.75
C GLU A 137 -13.64 -4.88 -11.66
N ALA A 138 -12.35 -5.20 -11.60
CA ALA A 138 -11.34 -4.15 -11.46
C ALA A 138 -11.46 -3.19 -12.64
N VAL A 139 -11.55 -3.75 -13.85
CA VAL A 139 -11.71 -2.91 -15.04
C VAL A 139 -13.03 -2.12 -15.00
N SER A 140 -14.11 -2.78 -14.57
CA SER A 140 -15.41 -2.11 -14.39
C SER A 140 -15.36 -0.91 -13.43
N VAL A 141 -14.64 -1.07 -12.32
CA VAL A 141 -14.42 0.04 -11.35
C VAL A 141 -13.60 1.16 -11.98
N ALA A 142 -12.56 0.80 -12.75
CA ALA A 142 -11.69 1.82 -13.35
C ALA A 142 -12.39 2.69 -14.41
N VAL A 143 -13.41 2.15 -15.07
CA VAL A 143 -14.15 2.92 -16.09
C VAL A 143 -15.33 3.72 -15.51
N ASN A 144 -15.72 3.43 -14.27
CA ASN A 144 -16.84 4.12 -13.64
C ASN A 144 -16.50 5.58 -13.28
N GLU A 145 -17.37 6.51 -13.66
CA GLU A 145 -17.17 7.95 -13.38
C GLU A 145 -17.03 8.26 -11.88
N LYS A 146 -17.73 7.47 -11.05
CA LYS A 146 -17.75 7.71 -9.62
C LYS A 146 -16.46 7.31 -8.92
N SER A 147 -15.59 6.57 -9.63
CA SER A 147 -14.34 6.06 -9.05
C SER A 147 -13.27 7.13 -8.99
N ALA A 148 -13.49 8.23 -9.69
CA ALA A 148 -12.56 9.38 -9.65
C ALA A 148 -12.50 10.07 -8.29
N ASN A 149 -11.32 10.64 -7.99
CA ASN A 149 -11.15 11.46 -6.77
CA ASN A 149 -11.02 11.42 -6.77
C ASN A 149 -11.28 10.67 -5.46
N LYS A 150 -11.02 9.38 -5.48
CA LYS A 150 -11.14 8.57 -4.27
C LYS A 150 -9.81 8.01 -3.80
N GLY A 151 -8.72 8.45 -4.46
CA GLY A 151 -7.37 7.94 -4.18
C GLY A 151 -7.17 6.58 -4.86
N VAL A 152 -6.04 5.94 -4.58
CA VAL A 152 -5.74 4.61 -5.19
C VAL A 152 -6.68 3.56 -4.58
N LEU A 153 -7.22 2.67 -5.41
CA LEU A 153 -8.24 1.69 -4.99
C LEU A 153 -7.70 0.28 -5.11
N VAL A 154 -8.21 -0.61 -4.27
CA VAL A 154 -7.92 -2.04 -4.37
C VAL A 154 -9.24 -2.76 -4.52
N VAL A 155 -9.37 -3.53 -5.59
CA VAL A 155 -10.59 -4.31 -5.85
C VAL A 155 -10.27 -5.81 -5.75
N MET A 156 -10.91 -6.47 -4.78
CA MET A 156 -10.71 -7.92 -4.58
C MET A 156 -12.03 -8.49 -4.08
N ASP A 157 -12.42 -9.67 -4.58
CA ASP A 157 -13.54 -10.43 -4.01
C ASP A 157 -14.80 -9.60 -3.88
N ASP A 158 -15.21 -8.98 -5.00
CA ASP A 158 -16.43 -8.19 -5.08
C ASP A 158 -16.49 -6.91 -4.20
N THR A 159 -15.33 -6.40 -3.77
CA THR A 159 -15.28 -5.35 -2.76
C THR A 159 -14.30 -4.27 -3.22
N ILE A 160 -14.59 -3.01 -2.90
CA ILE A 160 -13.70 -1.89 -3.25
C ILE A 160 -13.14 -1.31 -1.95
N PHE A 161 -11.82 -1.29 -1.83
CA PHE A 161 -11.13 -0.77 -0.63
C PHE A 161 -10.28 0.46 -0.98
N SER A 162 -10.14 1.36 -0.03
CA SER A 162 -9.16 2.44 -0.18
C SER A 162 -7.76 1.96 0.20
N VAL A 163 -6.77 2.50 -0.50
CA VAL A 163 -5.41 2.04 -0.37
C VAL A 163 -4.85 2.16 1.06
N ARG A 164 -5.19 3.24 1.77
CA ARG A 164 -4.67 3.42 3.14
C ARG A 164 -5.13 2.29 4.07
N GLU A 165 -6.36 1.84 3.89
CA GLU A 165 -7.03 0.99 4.87
C GLU A 165 -6.83 -0.51 4.67
N VAL A 166 -6.55 -0.91 3.45
CA VAL A 166 -6.62 -2.35 3.10
C VAL A 166 -5.41 -3.17 3.58
N VAL A 167 -5.68 -4.37 4.10
CA VAL A 167 -4.63 -5.25 4.63
CA VAL A 167 -4.60 -5.26 4.54
C VAL A 167 -4.92 -6.69 4.24
N LYS A 168 -3.88 -7.49 4.00
CA LYS A 168 -4.04 -8.95 3.80
C LYS A 168 -4.06 -9.58 5.19
N THR A 169 -5.15 -10.27 5.53
CA THR A 169 -5.35 -10.78 6.91
C THR A 169 -5.25 -12.31 7.06
N HIS A 170 -5.24 -13.05 5.95
CA HIS A 170 -5.26 -14.51 5.99
C HIS A 170 -4.28 -15.07 4.94
N THR A 171 -3.69 -16.21 5.26
CA THR A 171 -2.65 -16.77 4.39
C THR A 171 -3.17 -17.30 3.07
N THR A 172 -4.42 -17.76 3.04
CA THR A 172 -4.90 -18.51 1.90
C THR A 172 -6.32 -18.17 1.41
N HIS A 173 -7.14 -17.51 2.25
CA HIS A 173 -8.57 -17.28 1.87
C HIS A 173 -8.70 -16.30 0.70
N VAL A 174 -9.65 -16.56 -0.21
CA VAL A 174 -9.91 -15.63 -1.30
C VAL A 174 -10.43 -14.27 -0.79
N SER A 175 -11.01 -14.25 0.41
CA SER A 175 -11.53 -13.01 1.05
C SER A 175 -10.51 -12.40 2.04
N THR A 176 -9.23 -12.69 1.82
CA THR A 176 -8.16 -12.26 2.72
C THR A 176 -8.07 -10.74 2.94
N PHE A 177 -8.44 -9.94 1.94
CA PHE A 177 -8.34 -8.48 2.12
C PHE A 177 -9.48 -7.91 2.94
N LYS A 178 -9.13 -7.11 3.94
CA LYS A 178 -10.08 -6.43 4.82
C LYS A 178 -9.59 -5.04 5.14
N ALA A 179 -10.50 -4.17 5.54
CA ALA A 179 -10.15 -2.86 6.11
C ALA A 179 -10.54 -2.88 7.59
N LEU A 180 -9.60 -3.32 8.43
CA LEU A 180 -9.89 -3.65 9.84
C LEU A 180 -10.29 -2.46 10.71
N ASN A 181 -9.80 -1.27 10.36
CA ASN A 181 -10.12 -0.07 11.16
C ASN A 181 -11.35 0.71 10.72
N SER A 182 -11.62 0.64 9.44
CA SER A 182 -12.82 1.26 8.90
CA SER A 182 -12.81 1.25 8.89
C SER A 182 -13.61 0.14 8.20
N GLY A 183 -13.59 0.11 6.89
CA GLY A 183 -14.31 -0.90 6.16
C GLY A 183 -14.19 -0.61 4.68
N ALA A 184 -14.85 -1.44 3.88
CA ALA A 184 -14.82 -1.23 2.42
C ALA A 184 -15.55 0.11 2.11
N ILE A 185 -15.11 0.84 1.07
CA ILE A 185 -15.82 2.06 0.63
C ILE A 185 -16.91 1.80 -0.42
N GLY A 186 -16.90 0.60 -1.00
CA GLY A 186 -17.94 0.26 -1.98
C GLY A 186 -17.97 -1.20 -2.33
N SER A 187 -18.91 -1.56 -3.20
CA SER A 187 -19.05 -2.94 -3.65
C SER A 187 -19.07 -3.00 -5.18
N VAL A 188 -18.69 -4.14 -5.75
CA VAL A 188 -18.80 -4.33 -7.19
C VAL A 188 -19.25 -5.77 -7.40
N TYR A 189 -20.35 -5.95 -8.09
CA TYR A 189 -20.90 -7.29 -8.27
C TYR A 189 -21.19 -7.48 -9.74
N TYR A 190 -20.40 -8.37 -10.36
CA TYR A 190 -20.43 -8.58 -11.79
C TYR A 190 -20.47 -7.24 -12.53
N GLY A 191 -19.53 -6.37 -12.17
CA GLY A 191 -19.37 -5.07 -12.82
C GLY A 191 -20.23 -3.93 -12.32
N LYS A 192 -21.25 -4.21 -11.54
CA LYS A 192 -22.10 -3.16 -11.00
C LYS A 192 -21.49 -2.52 -9.75
N THR A 193 -21.17 -1.23 -9.85
CA THR A 193 -20.36 -0.53 -8.82
C THR A 193 -21.23 0.40 -7.96
N ARG A 194 -21.07 0.34 -6.63
CA ARG A 194 -21.73 1.27 -5.72
C ARG A 194 -20.74 1.77 -4.66
N TYR A 195 -20.68 3.08 -4.44
CA TYR A 195 -19.86 3.63 -3.35
C TYR A 195 -20.73 4.07 -2.19
N TYR A 196 -20.25 3.84 -0.98
CA TYR A 196 -20.95 4.27 0.22
C TYR A 196 -20.20 5.25 1.09
N MET A 197 -18.88 5.31 0.92
CA MET A 197 -18.00 6.12 1.77
C MET A 197 -16.88 6.76 0.96
N GLN A 198 -16.45 7.93 1.42
CA GLN A 198 -15.33 8.69 0.83
CA GLN A 198 -15.32 8.63 0.84
C GLN A 198 -14.17 8.77 1.86
N PRO A 199 -12.94 8.38 1.47
CA PRO A 199 -11.81 8.52 2.40
C PRO A 199 -11.51 9.99 2.70
N LEU A 200 -11.10 10.26 3.93
CA LEU A 200 -10.82 11.63 4.38
C LEU A 200 -9.34 11.97 4.49
N ARG A 201 -8.47 10.98 4.67
CA ARG A 201 -7.02 11.25 4.77
C ARG A 201 -6.47 11.65 3.40
N LYS A 202 -5.43 12.47 3.37
CA LYS A 202 -4.89 13.04 2.12
C LYS A 202 -4.33 11.96 1.20
N HIS A 203 -4.56 12.14 -0.10
CA HIS A 203 -4.05 11.21 -1.08
C HIS A 203 -3.80 11.93 -2.38
N THR A 204 -3.09 11.23 -3.26
CA THR A 204 -2.85 11.61 -4.66
C THR A 204 -2.62 13.12 -4.87
N THR A 205 -3.58 13.82 -5.47
CA THR A 205 -3.37 15.24 -5.81
C THR A 205 -3.16 16.15 -4.59
N GLU A 206 -3.61 15.72 -3.41
CA GLU A 206 -3.43 16.53 -2.22
CA GLU A 206 -3.49 16.46 -2.15
C GLU A 206 -2.16 16.17 -1.46
N SER A 207 -1.42 15.19 -1.98
CA SER A 207 -0.19 14.76 -1.33
C SER A 207 0.98 15.72 -1.58
N GLU A 208 1.80 15.92 -0.55
CA GLU A 208 3.00 16.75 -0.70
C GLU A 208 4.18 16.02 -1.34
N PHE A 209 4.05 14.70 -1.50
CA PHE A 209 5.08 13.90 -2.10
C PHE A 209 4.88 13.80 -3.61
N SER A 210 5.95 13.91 -4.37
CA SER A 210 5.86 13.74 -5.82
C SER A 210 7.09 13.04 -6.37
N LEU A 211 6.88 12.27 -7.43
CA LEU A 211 7.96 11.50 -8.05
C LEU A 211 9.19 12.32 -8.44
N SER A 212 8.97 13.52 -8.96
CA SER A 212 10.05 14.39 -9.44
C SER A 212 10.98 14.86 -8.33
N GLN A 213 10.56 14.66 -7.08
CA GLN A 213 11.36 15.08 -5.92
C GLN A 213 11.96 13.87 -5.19
N LEU A 214 11.72 12.67 -5.71
CA LEU A 214 12.20 11.44 -5.06
C LEU A 214 13.29 10.72 -5.87
N LYS A 215 14.24 10.13 -5.16
CA LYS A 215 15.31 9.34 -5.78
C LYS A 215 15.56 8.03 -5.01
N THR A 216 15.96 7.00 -5.73
CA THR A 216 16.34 5.72 -5.13
C THR A 216 17.86 5.75 -4.83
N PRO A 217 18.30 5.19 -3.68
CA PRO A 217 17.49 4.52 -2.68
C PRO A 217 16.77 5.50 -1.74
N LEU A 218 15.60 5.09 -1.28
CA LEU A 218 14.87 5.80 -0.23
C LEU A 218 15.61 5.56 1.09
N PRO A 219 15.39 6.44 2.10
CA PRO A 219 16.07 6.22 3.38
C PRO A 219 15.79 4.85 4.00
N LYS A 220 16.82 4.24 4.58
CA LYS A 220 16.68 2.91 5.17
C LYS A 220 15.81 2.94 6.43
N VAL A 221 14.76 2.12 6.43
CA VAL A 221 13.85 1.99 7.59
C VAL A 221 13.60 0.49 7.84
N ASP A 222 13.93 0.04 9.05
CA ASP A 222 13.73 -1.38 9.41
C ASP A 222 12.51 -1.51 10.32
N ILE A 223 11.97 -2.72 10.40
CA ILE A 223 10.85 -3.01 11.29
C ILE A 223 11.33 -4.08 12.28
N ILE A 224 11.16 -3.81 13.57
CA ILE A 224 11.56 -4.70 14.66
C ILE A 224 10.34 -5.30 15.36
N TYR A 225 10.30 -6.62 15.47
CA TYR A 225 9.18 -7.31 16.11
C TYR A 225 9.43 -7.48 17.61
N THR A 226 8.37 -7.51 18.42
CA THR A 226 8.52 -7.63 19.86
C THR A 226 7.65 -8.78 20.38
N HIS A 227 7.96 -9.25 21.58
CA HIS A 227 7.41 -10.47 22.14
C HIS A 227 7.88 -10.54 23.58
N ALA A 228 7.32 -11.49 24.36
CA ALA A 228 7.82 -11.75 25.71
C ALA A 228 9.30 -12.13 25.68
N GLY A 229 10.06 -11.64 26.67
CA GLY A 229 11.50 -11.92 26.76
C GLY A 229 12.28 -11.14 25.71
N MET A 230 11.69 -10.07 25.16
CA MET A 230 12.38 -9.28 24.13
C MET A 230 13.66 -8.64 24.64
N THR A 231 14.63 -8.47 23.75
CA THR A 231 15.89 -7.77 24.06
C THR A 231 16.20 -6.86 22.87
N PRO A 232 16.86 -5.71 23.12
CA PRO A 232 17.11 -4.79 21.99
C PRO A 232 18.27 -5.16 21.05
N ASP A 233 18.64 -6.45 20.95
CA ASP A 233 19.86 -6.76 20.16
C ASP A 233 19.69 -6.55 18.64
N LEU A 234 18.52 -6.93 18.13
CA LEU A 234 18.22 -6.72 16.70
C LEU A 234 18.01 -5.23 16.45
N PHE A 235 17.39 -4.53 17.40
CA PHE A 235 17.23 -3.07 17.29
C PHE A 235 18.63 -2.42 17.13
N GLN A 236 19.58 -2.86 17.94
CA GLN A 236 20.94 -2.29 17.88
C GLN A 236 21.61 -2.61 16.54
N ALA A 237 21.38 -3.81 16.04
CA ALA A 237 21.89 -4.23 14.74
C ALA A 237 21.38 -3.33 13.61
N SER A 238 20.11 -2.92 13.70
CA SER A 238 19.50 -1.99 12.74
C SER A 238 20.22 -0.64 12.74
N LEU A 239 20.50 -0.12 13.94
CA LEU A 239 21.26 1.13 14.09
C LEU A 239 22.64 1.03 13.49
N ASN A 240 23.32 -0.09 13.78
CA ASN A 240 24.65 -0.37 13.24
C ASN A 240 24.73 -0.48 11.73
N SER A 241 23.58 -0.79 11.13
CA SER A 241 23.42 -0.92 9.68
C SER A 241 23.00 0.41 9.05
N HIS A 242 23.08 1.48 9.84
CA HIS A 242 22.80 2.86 9.41
C HIS A 242 21.34 3.11 8.99
N ALA A 243 20.40 2.47 9.68
CA ALA A 243 18.98 2.80 9.55
C ALA A 243 18.76 4.27 9.93
N LYS A 244 17.96 4.97 9.12
CA LYS A 244 17.60 6.37 9.39
C LYS A 244 16.31 6.48 10.22
N GLY A 245 15.49 5.44 10.14
CA GLY A 245 14.30 5.33 10.98
C GLY A 245 14.07 3.87 11.30
N VAL A 246 13.35 3.64 12.40
CA VAL A 246 12.97 2.31 12.83
C VAL A 246 11.50 2.31 13.26
N VAL A 247 10.73 1.35 12.74
CA VAL A 247 9.34 1.15 13.14
C VAL A 247 9.35 -0.05 14.10
N ILE A 248 8.77 0.15 15.28
CA ILE A 248 8.67 -0.92 16.27
C ILE A 248 7.28 -1.52 16.21
N ALA A 249 7.18 -2.82 15.97
CA ALA A 249 5.89 -3.53 16.05
C ALA A 249 5.70 -3.96 17.53
N GLY A 250 5.20 -3.01 18.32
CA GLY A 250 5.15 -3.17 19.78
C GLY A 250 4.04 -4.08 20.23
N VAL A 251 4.08 -4.49 21.49
CA VAL A 251 2.99 -5.31 22.03
C VAL A 251 1.82 -4.42 22.45
N GLY A 252 0.59 -4.89 22.20
CA GLY A 252 -0.59 -4.09 22.53
C GLY A 252 -0.49 -2.68 21.95
N ASN A 253 -0.63 -1.66 22.80
CA ASN A 253 -0.64 -0.25 22.37
C ASN A 253 0.79 0.31 22.17
N GLY A 254 1.54 -0.33 21.26
CA GLY A 254 2.92 0.11 20.95
C GLY A 254 3.93 -0.05 22.09
N ASN A 255 3.69 -0.98 23.01
CA ASN A 255 4.53 -1.11 24.21
C ASN A 255 5.77 -1.96 24.01
N VAL A 256 6.78 -1.70 24.85
CA VAL A 256 8.09 -2.39 24.81
C VAL A 256 8.60 -2.56 26.24
N SER A 257 9.55 -3.47 26.42
CA SER A 257 10.19 -3.68 27.73
C SER A 257 11.00 -2.44 28.16
N ALA A 258 11.26 -2.34 29.46
CA ALA A 258 12.09 -1.27 30.01
C ALA A 258 13.43 -1.12 29.27
N GLY A 259 14.11 -2.25 29.03
CA GLY A 259 15.44 -2.26 28.36
C GLY A 259 15.35 -1.76 26.92
N PHE A 260 14.29 -2.15 26.23
CA PHE A 260 14.02 -1.69 24.88
C PHE A 260 13.78 -0.18 24.84
N LEU A 261 13.00 0.32 25.80
CA LEU A 261 12.71 1.75 25.90
C LEU A 261 13.98 2.57 26.07
N LYS A 262 14.90 2.07 26.89
CA LYS A 262 16.17 2.79 27.12
C LYS A 262 16.99 2.88 25.83
N ALA A 263 17.01 1.80 25.05
CA ALA A 263 17.72 1.80 23.76
C ALA A 263 17.07 2.77 22.77
N MET A 264 15.74 2.80 22.75
CA MET A 264 14.97 3.71 21.86
C MET A 264 15.24 5.18 22.21
N GLN A 265 15.28 5.46 23.51
CA GLN A 265 15.58 6.81 23.99
C GLN A 265 16.96 7.26 23.50
N GLU A 266 17.97 6.40 23.64
CA GLU A 266 19.33 6.75 23.21
C GLU A 266 19.38 6.95 21.69
N ALA A 267 18.73 6.06 20.93
CA ALA A 267 18.66 6.20 19.48
C ALA A 267 18.04 7.53 19.03
N SER A 268 16.91 7.90 19.63
CA SER A 268 16.18 9.12 19.27
C SER A 268 17.04 10.36 19.58
N GLN A 269 17.72 10.33 20.73
CA GLN A 269 18.65 11.40 21.10
C GLN A 269 19.75 11.58 20.05
N MET A 270 20.17 10.48 19.42
CA MET A 270 21.20 10.47 18.36
C MET A 270 20.68 10.87 16.97
N GLY A 271 19.37 11.07 16.85
CA GLY A 271 18.78 11.57 15.60
C GLY A 271 18.12 10.52 14.73
N VAL A 272 18.07 9.28 15.20
CA VAL A 272 17.33 8.22 14.51
C VAL A 272 15.83 8.40 14.83
N VAL A 273 14.97 8.34 13.81
CA VAL A 273 13.53 8.55 14.02
C VAL A 273 12.84 7.25 14.38
N ILE A 274 12.20 7.24 15.55
CA ILE A 274 11.59 6.04 16.09
C ILE A 274 10.07 6.17 16.03
N VAL A 275 9.43 5.21 15.38
CA VAL A 275 7.98 5.16 15.26
C VAL A 275 7.44 3.96 16.05
N ARG A 276 6.52 4.23 17.00
CA ARG A 276 5.82 3.15 17.70
C ARG A 276 4.57 2.71 16.94
N SER A 277 4.63 1.51 16.36
CA SER A 277 3.44 0.87 15.77
C SER A 277 3.09 -0.34 16.67
N SER A 278 2.31 -1.27 16.15
CA SER A 278 1.81 -2.43 16.94
C SER A 278 1.82 -3.68 16.08
N ARG A 279 2.13 -4.83 16.69
CA ARG A 279 2.00 -6.11 16.03
C ARG A 279 0.56 -6.63 15.97
N VAL A 280 -0.38 -5.99 16.69
CA VAL A 280 -1.70 -6.62 16.90
C VAL A 280 -2.57 -6.68 15.65
N GLY A 281 -2.42 -5.69 14.77
CA GLY A 281 -3.12 -5.75 13.46
C GLY A 281 -4.19 -4.71 13.23
N SER A 282 -4.75 -4.14 14.31
CA SER A 282 -5.76 -3.06 14.17
C SER A 282 -5.72 -2.11 15.37
N GLY A 283 -6.32 -0.93 15.19
CA GLY A 283 -6.45 0.08 16.25
C GLY A 283 -5.32 1.11 16.19
N GLY A 284 -5.56 2.28 16.77
CA GLY A 284 -4.54 3.34 16.78
C GLY A 284 -3.61 3.18 17.96
N VAL A 285 -2.37 3.60 17.78
CA VAL A 285 -1.39 3.66 18.86
C VAL A 285 -1.46 5.04 19.50
N THR A 286 -1.62 5.09 20.82
CA THR A 286 -1.72 6.36 21.54
C THR A 286 -0.54 6.49 22.52
N SER A 287 -0.25 7.71 22.97
CA SER A 287 0.63 7.93 24.11
C SER A 287 -0.22 7.57 25.34
N GLY A 288 0.43 7.27 26.45
CA GLY A 288 -0.27 6.68 27.60
C GLY A 288 0.76 6.05 28.49
N GLU A 289 1.04 4.76 28.28
CA GLU A 289 2.10 4.11 29.06
C GLU A 289 3.48 4.66 28.68
N ILE A 290 3.62 5.21 27.48
CA ILE A 290 4.86 5.86 27.04
C ILE A 290 4.61 7.34 26.71
N ASP A 291 5.40 8.22 27.32
CA ASP A 291 5.33 9.67 27.04
C ASP A 291 6.18 9.98 25.79
N ASP A 292 5.58 9.86 24.62
CA ASP A 292 6.29 10.06 23.34
C ASP A 292 6.96 11.43 23.22
N LYS A 293 6.30 12.46 23.76
CA LYS A 293 6.82 13.83 23.70
C LYS A 293 8.09 14.00 24.52
N ALA A 294 8.21 13.21 25.60
CA ALA A 294 9.40 13.30 26.45
C ALA A 294 10.67 12.83 25.71
N TYR A 295 10.50 11.83 24.83
CA TYR A 295 11.63 11.16 24.17
C TYR A 295 11.75 11.47 22.68
N GLY A 296 10.75 12.12 22.12
CA GLY A 296 10.76 12.41 20.69
C GLY A 296 10.33 11.27 19.79
N PHE A 297 9.53 10.33 20.32
CA PHE A 297 9.01 9.25 19.50
C PHE A 297 7.76 9.71 18.72
N ILE A 298 7.49 8.99 17.62
CA ILE A 298 6.32 9.23 16.76
C ILE A 298 5.37 8.03 16.95
N THR A 299 4.07 8.29 17.02
CA THR A 299 3.08 7.19 17.02
C THR A 299 2.48 6.99 15.62
N SER A 300 2.26 5.73 15.23
CA SER A 300 1.90 5.47 13.82
C SER A 300 0.41 5.51 13.49
N ASP A 301 -0.37 6.32 14.24
CA ASP A 301 -1.83 6.39 14.01
C ASP A 301 -2.38 4.94 14.02
N ASN A 302 -3.31 4.60 13.11
CA ASN A 302 -3.77 3.20 13.01
C ASN A 302 -3.11 2.38 11.87
N LEU A 303 -1.98 2.87 11.35
CA LEU A 303 -1.26 2.15 10.30
C LEU A 303 -0.52 0.96 10.89
N ASN A 304 -0.54 -0.19 10.21
CA ASN A 304 0.25 -1.34 10.65
C ASN A 304 1.77 -1.10 10.37
N PRO A 305 2.67 -1.98 10.86
CA PRO A 305 4.09 -1.62 10.74
C PRO A 305 4.58 -1.40 9.29
N GLN A 306 4.13 -2.24 8.35
CA GLN A 306 4.61 -2.16 6.96
C GLN A 306 4.10 -0.89 6.27
N LYS A 307 2.86 -0.46 6.55
CA LYS A 307 2.41 0.82 5.98
CA LYS A 307 2.36 0.83 6.03
C LYS A 307 3.03 2.04 6.66
N ALA A 308 3.27 1.95 7.98
CA ALA A 308 4.00 3.01 8.69
C ALA A 308 5.41 3.19 8.09
N ARG A 309 6.05 2.08 7.73
CA ARG A 309 7.39 2.17 7.09
C ARG A 309 7.35 2.95 5.77
N VAL A 310 6.35 2.69 4.92
CA VAL A 310 6.19 3.41 3.66
C VAL A 310 6.12 4.91 3.90
N LEU A 311 5.22 5.32 4.78
CA LEU A 311 5.08 6.76 5.05
C LEU A 311 6.36 7.36 5.64
N LEU A 312 7.02 6.61 6.55
CA LEU A 312 8.25 7.12 7.16
C LEU A 312 9.38 7.29 6.16
N GLN A 313 9.54 6.31 5.26
CA GLN A 313 10.55 6.42 4.20
C GLN A 313 10.35 7.69 3.39
N LEU A 314 9.09 8.00 3.05
CA LEU A 314 8.81 9.19 2.29
C LEU A 314 9.02 10.47 3.11
N ALA A 315 8.62 10.43 4.37
CA ALA A 315 8.78 11.58 5.28
C ALA A 315 10.25 11.97 5.37
N LEU A 316 11.11 10.96 5.46
CA LEU A 316 12.55 11.18 5.67
C LEU A 316 13.29 11.79 4.47
N THR A 317 12.66 11.75 3.29
CA THR A 317 13.19 12.47 2.13
C THR A 317 12.97 14.00 2.27
N LYS A 318 12.02 14.39 3.12
CA LYS A 318 11.61 15.79 3.29
C LYS A 318 12.22 16.47 4.53
N THR A 319 12.24 15.74 5.64
CA THR A 319 12.54 16.32 6.94
C THR A 319 12.97 15.26 7.98
N ASN A 320 13.65 15.71 9.02
CA ASN A 320 14.01 14.91 10.18
CA ASN A 320 13.86 14.83 10.17
C ASN A 320 13.28 15.42 11.45
N ASP A 321 12.47 16.47 11.26
CA ASP A 321 11.80 17.17 12.35
C ASP A 321 10.66 16.30 12.86
N LYS A 322 10.75 15.91 14.12
CA LYS A 322 9.76 15.00 14.71
C LYS A 322 8.33 15.54 14.71
N ALA A 323 8.19 16.85 14.93
CA ALA A 323 6.86 17.44 14.98
C ALA A 323 6.18 17.37 13.60
N LYS A 324 6.97 17.65 12.56
CA LYS A 324 6.48 17.61 11.19
C LYS A 324 6.13 16.19 10.77
N ILE A 325 6.94 15.21 11.18
CA ILE A 325 6.66 13.80 10.88
C ILE A 325 5.38 13.31 11.58
N GLN A 326 5.19 13.70 12.84
CA GLN A 326 3.96 13.32 13.55
C GLN A 326 2.72 13.90 12.83
N GLU A 327 2.79 15.15 12.40
CA GLU A 327 1.73 15.76 11.59
C GLU A 327 1.42 14.95 10.32
N MET A 328 2.45 14.42 9.66
CA MET A 328 2.21 13.55 8.49
C MET A 328 1.39 12.28 8.84
N PHE A 329 1.71 11.65 9.95
CA PHE A 329 0.90 10.53 10.45
C PHE A 329 -0.55 10.88 10.82
N GLU A 330 -0.80 12.16 11.12
CA GLU A 330 -2.16 12.65 11.37
C GLU A 330 -2.92 12.99 10.09
N GLU A 331 -2.20 13.19 8.99
CA GLU A 331 -2.84 13.71 7.78
C GLU A 331 -3.00 12.69 6.65
N TYR A 332 -2.10 11.69 6.63
CA TYR A 332 -2.01 10.72 5.50
C TYR A 332 -2.48 9.33 5.90
N ASP B . 3.31 -14.92 -3.49
CA ASP B . 2.27 -14.45 -4.40
C ASP B . 2.54 -13.02 -4.76
O ASP B . 2.31 -12.15 -3.89
CB ASP B . 0.93 -14.55 -3.65
CG ASP B . -0.28 -14.05 -4.43
OD1 ASP B . -0.15 -13.31 -5.44
OD2 ASP B . -1.42 -14.40 -4.04
OXT ASP B . 2.99 -12.71 -5.90
#